data_5QIE
#
_entry.id   5QIE
#
_cell.length_a   97.677
_cell.length_b   97.677
_cell.length_c   80.414
_cell.angle_alpha   90.000
_cell.angle_beta   90.000
_cell.angle_gamma   90.000
#
_symmetry.space_group_name_H-M   'I 4'
#
loop_
_entity.id
_entity.type
_entity.pdbx_description
1 polymer 'Hydroxyacid oxidase 1'
2 non-polymer 'FLAVIN MONONUCLEOTIDE'
3 non-polymer ~{N},~{N}-dimethyl-4-[(propan-2-ylamino)methyl]aniline
4 water water
#
_entity_poly.entity_id   1
_entity_poly.type   'polypeptide(L)'
_entity_poly.pdbx_seq_one_letter_code
;SMLPRLICINDYEQHAKSVLPKSIYDYYRSGANDEETLADNIAAFSRWKLYPRMLRNVAETDLSTSVLGQRVSMPICVGA
TAMQRMAHVDGELATVRACQSLGTGMMLSSWATSSIEEVAEAGPEALRWLQLYIYKDREVTKKLVRQAEKMGYKAIFVTV
DTPYLGNRLDDVRNRFKLPPQLRMKNFETSTLSFSPEENFGDDSGLAAYVAKAIDPSISWEDIKWLRRLTSLPIVAKGIL
RGDDAREAVKHGLNGILVSNHGARQLDGVPATIDVLPEIVEAVEGKVEVFLDGGVRKGTDVLKALALGAKAVFVGRPIVW
GLAFQGEKGVQDVLEILKEEFRLAMALSGCQNVKVIDKTLVRKNPLAVS
;
_entity_poly.pdbx_strand_id   A
#
# COMPACT_ATOMS: atom_id res chain seq x y z
N ARG A 5 -11.91 -22.81 -9.19
CA ARG A 5 -12.45 -21.85 -8.16
C ARG A 5 -12.11 -20.31 -8.35
N LEU A 6 -10.97 -19.78 -7.87
CA LEU A 6 -10.77 -18.32 -7.68
C LEU A 6 -9.85 -17.81 -8.75
N ILE A 7 -10.39 -17.02 -9.68
CA ILE A 7 -9.62 -16.67 -10.88
C ILE A 7 -9.43 -15.18 -11.12
N CYS A 8 -9.95 -14.39 -10.20
CA CYS A 8 -9.83 -12.92 -10.22
C CYS A 8 -9.86 -12.41 -8.79
N ILE A 9 -9.45 -11.15 -8.61
CA ILE A 9 -9.35 -10.59 -7.25
C ILE A 9 -10.74 -10.57 -6.56
N ASN A 10 -11.78 -10.24 -7.30
CA ASN A 10 -13.15 -10.23 -6.69
C ASN A 10 -13.52 -11.60 -6.10
N ASP A 11 -13.10 -12.69 -6.74
CA ASP A 11 -13.42 -14.05 -6.21
C ASP A 11 -12.76 -14.24 -4.84
N TYR A 12 -11.54 -13.69 -4.66
CA TYR A 12 -10.87 -13.82 -3.36
C TYR A 12 -11.62 -13.05 -2.26
N GLU A 13 -12.11 -11.86 -2.56
CA GLU A 13 -12.90 -11.19 -1.56
C GLU A 13 -14.15 -11.98 -1.18
N GLN A 14 -14.84 -12.50 -2.19
CA GLN A 14 -16.07 -13.25 -1.89
C GLN A 14 -15.76 -14.46 -0.98
N HIS A 15 -14.68 -15.15 -1.27
CA HIS A 15 -14.27 -16.26 -0.43
C HIS A 15 -13.91 -15.81 0.98
N ALA A 16 -13.18 -14.68 1.06
CA ALA A 16 -12.83 -14.19 2.39
C ALA A 16 -14.04 -13.86 3.27
N LYS A 17 -15.08 -13.28 2.68
CA LYS A 17 -16.32 -12.99 3.39
C LYS A 17 -16.96 -14.27 3.93
N SER A 18 -16.84 -15.35 3.19
CA SER A 18 -17.42 -16.63 3.60
C SER A 18 -16.67 -17.33 4.72
N VAL A 19 -15.36 -17.08 4.87
CA VAL A 19 -14.59 -17.75 5.93
C VAL A 19 -14.22 -16.91 7.12
N LEU A 20 -14.15 -15.58 6.97
CA LEU A 20 -13.72 -14.75 8.10
C LEU A 20 -14.82 -14.43 9.10
N PRO A 21 -14.49 -14.36 10.40
CA PRO A 21 -15.50 -13.78 11.32
C PRO A 21 -15.91 -12.36 10.86
N LYS A 22 -17.18 -12.05 11.07
CA LYS A 22 -17.74 -10.76 10.62
C LYS A 22 -16.91 -9.55 11.03
N SER A 23 -16.48 -9.49 12.29
CA SER A 23 -15.76 -8.30 12.76
C SER A 23 -14.44 -8.09 12.02
N ILE A 24 -13.79 -9.21 11.65
CA ILE A 24 -12.51 -9.19 10.96
C ILE A 24 -12.75 -8.79 9.51
N TYR A 25 -13.71 -9.43 8.82
CA TYR A 25 -14.00 -9.09 7.45
C TYR A 25 -14.39 -7.59 7.35
N ASP A 26 -15.20 -7.13 8.29
CA ASP A 26 -15.69 -5.73 8.25
C ASP A 26 -14.54 -4.76 8.49
N TYR A 27 -13.63 -5.08 9.40
CA TYR A 27 -12.49 -4.23 9.63
C TYR A 27 -11.70 -4.03 8.34
N TYR A 28 -11.45 -5.15 7.66
CA TYR A 28 -10.64 -5.11 6.44
C TYR A 28 -11.39 -4.42 5.27
N ARG A 29 -12.69 -4.71 5.14
CA ARG A 29 -13.48 -4.24 4.01
C ARG A 29 -13.76 -2.72 4.10
N SER A 30 -14.00 -2.22 5.30
CA SER A 30 -14.70 -0.98 5.48
C SER A 30 -13.95 0.22 4.96
N GLY A 31 -14.73 1.22 4.59
CA GLY A 31 -14.22 2.60 4.43
C GLY A 31 -14.81 3.47 5.54
N ALA A 32 -14.54 4.77 5.40
CA ALA A 32 -15.03 5.75 6.36
C ALA A 32 -16.51 6.12 6.07
N ASN A 33 -17.29 6.30 7.16
CA ASN A 33 -18.60 6.93 7.07
C ASN A 33 -19.47 6.23 6.03
N ASP A 34 -20.09 6.98 5.09
CA ASP A 34 -20.98 6.33 4.13
C ASP A 34 -20.25 5.62 2.96
N GLU A 35 -18.92 5.61 2.99
CA GLU A 35 -18.14 4.80 2.02
C GLU A 35 -18.28 5.28 0.59
N GLU A 36 -18.46 6.59 0.42
CA GLU A 36 -18.52 7.20 -0.91
C GLU A 36 -17.18 7.05 -1.66
N THR A 37 -16.09 7.38 -1.03
CA THR A 37 -14.79 7.31 -1.71
C THR A 37 -14.42 5.81 -1.94
N LEU A 38 -14.86 4.93 -1.04
CA LEU A 38 -14.59 3.49 -1.21
C LEU A 38 -15.15 2.99 -2.53
N ALA A 39 -16.38 3.38 -2.86
CA ALA A 39 -16.95 3.00 -4.13
C ALA A 39 -16.25 3.69 -5.28
N ASP A 40 -15.89 4.98 -5.12
CA ASP A 40 -15.31 5.75 -6.20
C ASP A 40 -13.88 5.29 -6.55
N ASN A 41 -13.11 4.81 -5.56
CA ASN A 41 -11.78 4.28 -5.90
C ASN A 41 -11.84 3.25 -6.98
N ILE A 42 -12.91 2.44 -6.99
CA ILE A 42 -13.14 1.43 -8.04
C ILE A 42 -13.80 2.05 -9.27
N ALA A 43 -14.90 2.75 -9.06
CA ALA A 43 -15.65 3.33 -10.19
C ALA A 43 -14.81 4.27 -11.07
N ALA A 44 -13.92 5.01 -10.46
CA ALA A 44 -13.12 5.93 -11.19
C ALA A 44 -12.24 5.27 -12.24
N PHE A 45 -11.68 4.10 -11.88
CA PHE A 45 -10.88 3.39 -12.88
C PHE A 45 -11.70 3.07 -14.12
N SER A 46 -12.99 2.72 -13.93
CA SER A 46 -13.81 2.38 -15.09
C SER A 46 -14.05 3.56 -15.97
N ARG A 47 -14.05 4.80 -15.44
CA ARG A 47 -14.27 5.98 -16.28
C ARG A 47 -13.09 6.34 -17.20
N TRP A 48 -11.88 5.90 -16.84
CA TRP A 48 -10.73 6.10 -17.66
C TRP A 48 -10.71 5.01 -18.74
N LYS A 49 -10.87 5.42 -19.99
CA LYS A 49 -10.92 4.43 -21.07
C LYS A 49 -9.55 4.24 -21.74
N LEU A 50 -9.35 3.03 -22.27
CA LEU A 50 -8.08 2.61 -22.91
C LEU A 50 -8.17 2.75 -24.42
N TYR A 51 -7.08 3.24 -25.00
CA TYR A 51 -6.94 3.47 -26.44
C TYR A 51 -5.75 2.65 -26.96
N PRO A 52 -5.98 1.32 -27.13
CA PRO A 52 -4.86 0.40 -27.44
C PRO A 52 -4.23 0.60 -28.82
N ARG A 53 -2.91 0.47 -28.91
CA ARG A 53 -2.24 0.36 -30.21
C ARG A 53 -2.14 -1.11 -30.65
N MET A 54 -2.32 -1.33 -31.94
CA MET A 54 -2.27 -2.65 -32.52
C MET A 54 -0.90 -2.84 -33.25
N LEU A 55 -0.54 -4.11 -33.38
CA LEU A 55 0.51 -4.50 -34.35
C LEU A 55 1.88 -3.95 -33.92
N ARG A 56 2.16 -4.05 -32.59
CA ARG A 56 3.43 -3.48 -32.04
C ARG A 56 4.48 -4.52 -31.74
N ASN A 57 4.16 -5.81 -31.86
CA ASN A 57 5.05 -6.92 -31.46
C ASN A 57 5.14 -7.06 -29.94
N VAL A 58 4.22 -7.86 -29.38
CA VAL A 58 4.15 -8.05 -27.95
C VAL A 58 4.45 -9.50 -27.57
N ALA A 59 5.31 -10.14 -28.36
CA ALA A 59 5.73 -11.51 -28.00
C ALA A 59 6.54 -11.56 -26.72
N GLU A 60 7.25 -10.48 -26.41
CA GLU A 60 8.24 -10.54 -25.29
C GLU A 60 8.04 -9.56 -24.19
N THR A 61 6.88 -9.56 -23.61
CA THR A 61 6.54 -8.49 -22.65
C THR A 61 7.38 -8.53 -21.40
N ASP A 62 7.91 -7.38 -21.04
CA ASP A 62 8.80 -7.21 -19.89
C ASP A 62 8.06 -6.31 -18.89
N LEU A 63 7.72 -6.89 -17.76
CA LEU A 63 6.93 -6.16 -16.72
C LEU A 63 7.86 -5.47 -15.71
N SER A 64 9.17 -5.72 -15.79
CA SER A 64 10.04 -5.24 -14.73
C SER A 64 10.16 -3.73 -14.67
N THR A 65 10.46 -3.25 -13.47
CA THR A 65 10.66 -1.80 -13.32
C THR A 65 11.52 -1.63 -12.05
N SER A 66 11.55 -0.40 -11.53
N SER A 66 11.56 -0.42 -11.53
N SER A 66 11.55 -0.40 -11.53
N SER A 66 11.56 -0.42 -11.53
CA SER A 66 12.35 -0.07 -10.35
CA SER A 66 12.23 -0.19 -10.26
CA SER A 66 12.35 -0.07 -10.35
CA SER A 66 12.23 -0.19 -10.26
C SER A 66 11.54 0.86 -9.43
C SER A 66 11.39 0.73 -9.41
C SER A 66 11.54 0.86 -9.43
C SER A 66 11.39 0.73 -9.41
N VAL A 67 11.65 0.66 -8.11
CA VAL A 67 10.93 1.51 -7.10
C VAL A 67 12.07 2.06 -6.25
N LEU A 68 12.25 3.37 -6.29
CA LEU A 68 13.29 4.06 -5.48
C LEU A 68 14.68 3.42 -5.68
N GLY A 69 14.93 3.02 -6.94
CA GLY A 69 16.22 2.45 -7.33
C GLY A 69 16.40 0.94 -7.15
N GLN A 70 15.43 0.24 -6.64
CA GLN A 70 15.49 -1.19 -6.43
C GLN A 70 14.64 -1.86 -7.49
N ARG A 71 15.21 -2.84 -8.19
CA ARG A 71 14.47 -3.58 -9.21
C ARG A 71 13.34 -4.39 -8.59
N VAL A 72 12.22 -4.40 -9.31
CA VAL A 72 11.08 -5.29 -8.99
C VAL A 72 10.65 -6.00 -10.31
N SER A 73 9.98 -7.13 -10.15
CA SER A 73 9.53 -7.93 -11.28
C SER A 73 8.32 -7.33 -11.99
N MET A 74 7.61 -6.41 -11.35
CA MET A 74 6.36 -5.84 -11.91
C MET A 74 6.08 -4.56 -11.11
N PRO A 75 5.30 -3.62 -11.68
CA PRO A 75 4.99 -2.36 -11.00
C PRO A 75 3.79 -2.49 -10.05
N ILE A 76 3.77 -3.56 -9.30
CA ILE A 76 2.66 -3.99 -8.46
C ILE A 76 3.27 -4.50 -7.16
N CYS A 77 3.04 -3.75 -6.07
CA CYS A 77 3.75 -3.99 -4.80
C CYS A 77 2.71 -4.13 -3.70
N VAL A 78 3.09 -4.72 -2.59
CA VAL A 78 2.18 -4.92 -1.45
C VAL A 78 2.20 -3.71 -0.52
N GLY A 79 1.01 -3.08 -0.38
CA GLY A 79 0.84 -1.96 0.54
C GLY A 79 0.66 -2.42 1.99
N ALA A 80 0.90 -1.46 2.91
CA ALA A 80 0.75 -1.72 4.36
C ALA A 80 -0.70 -2.00 4.74
N THR A 81 -1.00 -3.14 5.36
CA THR A 81 -2.31 -3.42 5.90
C THR A 81 -2.08 -4.00 7.27
N ALA A 82 -2.60 -3.33 8.28
CA ALA A 82 -2.33 -3.74 9.63
C ALA A 82 -2.87 -5.14 9.99
N MET A 83 -2.25 -5.76 10.99
CA MET A 83 -2.83 -6.88 11.70
C MET A 83 -3.19 -8.06 10.83
N GLN A 84 -2.24 -8.47 9.96
CA GLN A 84 -2.52 -9.51 8.97
C GLN A 84 -2.74 -10.89 9.59
N ARG A 85 -2.26 -11.12 10.84
CA ARG A 85 -2.55 -12.42 11.49
C ARG A 85 -4.02 -12.68 11.83
N MET A 86 -4.88 -11.65 11.77
CA MET A 86 -6.32 -11.91 11.85
C MET A 86 -6.85 -12.69 10.67
N ALA A 87 -6.20 -12.56 9.50
CA ALA A 87 -6.66 -13.18 8.26
C ALA A 87 -6.18 -14.59 8.13
N HIS A 88 -5.00 -14.84 8.65
CA HIS A 88 -4.33 -16.15 8.55
C HIS A 88 -3.26 -16.22 9.62
N VAL A 89 -3.12 -17.40 10.25
CA VAL A 89 -2.18 -17.52 11.36
C VAL A 89 -0.74 -17.01 11.05
N ASP A 90 -0.24 -17.14 9.81
CA ASP A 90 1.12 -16.73 9.47
C ASP A 90 1.26 -15.25 9.09
N GLY A 91 0.11 -14.60 8.86
CA GLY A 91 0.05 -13.14 8.62
C GLY A 91 1.14 -12.57 7.73
N GLU A 92 1.87 -11.61 8.28
CA GLU A 92 2.90 -10.87 7.57
C GLU A 92 4.08 -11.77 7.11
N LEU A 93 4.35 -12.85 7.85
CA LEU A 93 5.37 -13.81 7.42
C LEU A 93 5.00 -14.48 6.10
N ALA A 94 3.79 -14.93 5.98
CA ALA A 94 3.24 -15.41 4.72
C ALA A 94 3.36 -14.36 3.62
N THR A 95 2.98 -13.13 3.94
CA THR A 95 3.03 -12.06 2.91
C THR A 95 4.42 -11.83 2.39
N VAL A 96 5.41 -11.77 3.28
CA VAL A 96 6.74 -11.43 2.84
C VAL A 96 7.39 -12.58 2.01
N ARG A 97 7.01 -13.81 2.36
CA ARG A 97 7.50 -14.98 1.63
C ARG A 97 6.96 -14.97 0.21
N ALA A 98 5.71 -14.58 0.05
CA ALA A 98 5.08 -14.50 -1.27
C ALA A 98 5.74 -13.39 -2.07
N CYS A 99 6.04 -12.24 -1.48
CA CYS A 99 6.71 -11.17 -2.17
C CYS A 99 8.11 -11.60 -2.67
N GLN A 100 8.86 -12.27 -1.80
CA GLN A 100 10.15 -12.84 -2.18
C GLN A 100 10.01 -13.76 -3.43
N SER A 101 9.03 -14.64 -3.42
CA SER A 101 8.76 -15.56 -4.60
C SER A 101 8.47 -14.78 -5.86
N LEU A 102 7.68 -13.74 -5.74
CA LEU A 102 7.27 -12.97 -6.89
C LEU A 102 8.32 -12.01 -7.38
N GLY A 103 9.27 -11.58 -6.54
CA GLY A 103 10.23 -10.55 -6.93
C GLY A 103 9.67 -9.15 -6.80
N THR A 104 8.71 -8.96 -5.87
CA THR A 104 8.19 -7.61 -5.65
C THR A 104 8.41 -7.22 -4.18
N GLY A 105 8.05 -5.97 -3.85
CA GLY A 105 8.28 -5.45 -2.55
C GLY A 105 7.07 -5.44 -1.65
N MET A 106 7.38 -5.53 -0.35
CA MET A 106 6.36 -5.45 0.71
C MET A 106 6.59 -4.26 1.59
N MET A 107 5.54 -3.43 1.71
CA MET A 107 5.47 -2.35 2.67
C MET A 107 4.85 -2.86 3.98
N LEU A 108 5.68 -2.88 5.05
CA LEU A 108 5.27 -3.46 6.32
C LEU A 108 4.62 -2.36 7.21
N SER A 109 3.40 -2.63 7.66
CA SER A 109 2.72 -1.74 8.59
C SER A 109 3.42 -1.58 9.93
N SER A 110 3.38 -0.36 10.46
CA SER A 110 3.84 -0.17 11.87
C SER A 110 2.92 -0.94 12.84
N TRP A 111 1.70 -1.21 12.41
CA TRP A 111 0.70 -1.94 13.21
C TRP A 111 0.58 -3.41 12.83
N ALA A 112 1.72 -3.96 12.42
CA ALA A 112 1.77 -5.36 12.08
C ALA A 112 1.66 -6.28 13.29
N THR A 113 1.07 -7.46 13.09
CA THR A 113 1.05 -8.57 14.05
C THR A 113 2.30 -9.46 14.04
N SER A 114 3.36 -8.98 13.38
CA SER A 114 4.68 -9.57 13.34
C SER A 114 5.71 -8.44 13.41
N SER A 115 6.85 -8.69 14.06
CA SER A 115 7.82 -7.62 14.22
C SER A 115 8.64 -7.35 12.98
N ILE A 116 9.22 -6.17 12.93
CA ILE A 116 10.20 -5.78 11.90
C ILE A 116 11.26 -6.88 11.71
N GLU A 117 11.82 -7.32 12.83
CA GLU A 117 12.81 -8.40 12.75
C GLU A 117 12.24 -9.73 12.28
N GLU A 118 11.06 -10.15 12.76
CA GLU A 118 10.46 -11.42 12.34
C GLU A 118 10.25 -11.43 10.79
N VAL A 119 9.81 -10.30 10.26
CA VAL A 119 9.47 -10.24 8.87
C VAL A 119 10.75 -10.26 8.09
N ALA A 120 11.79 -9.55 8.52
CA ALA A 120 13.09 -9.64 7.81
C ALA A 120 13.68 -11.06 7.83
N GLU A 121 13.45 -11.81 8.91
CA GLU A 121 13.95 -13.23 9.06
C GLU A 121 13.19 -14.17 8.12
N ALA A 122 11.91 -13.93 7.91
CA ALA A 122 11.10 -14.75 7.04
C ALA A 122 11.36 -14.40 5.55
N GLY A 123 11.79 -13.16 5.25
CA GLY A 123 12.02 -12.71 3.90
C GLY A 123 13.31 -12.00 3.72
N PRO A 124 14.42 -12.70 3.99
CA PRO A 124 15.69 -11.96 3.99
C PRO A 124 16.06 -11.37 2.63
N GLU A 125 15.70 -12.07 1.57
CA GLU A 125 15.96 -11.62 0.21
C GLU A 125 14.85 -10.81 -0.38
N ALA A 126 13.73 -10.65 0.32
CA ALA A 126 12.64 -9.84 -0.21
C ALA A 126 12.94 -8.35 -0.11
N LEU A 127 12.51 -7.55 -1.09
CA LEU A 127 12.52 -6.10 -1.01
C LEU A 127 11.42 -5.66 -0.02
N ARG A 128 11.84 -4.92 1.03
CA ARG A 128 10.98 -4.60 2.16
C ARG A 128 11.15 -3.14 2.50
N TRP A 129 10.02 -2.47 2.85
CA TRP A 129 9.99 -1.08 3.25
C TRP A 129 9.12 -1.02 4.53
N LEU A 130 9.39 0.00 5.37
CA LEU A 130 8.58 0.24 6.56
C LEU A 130 7.60 1.39 6.39
N GLN A 131 6.32 1.11 6.61
CA GLN A 131 5.34 2.21 6.78
C GLN A 131 5.39 2.67 8.26
N LEU A 132 5.60 3.97 8.40
CA LEU A 132 5.80 4.63 9.69
C LEU A 132 4.62 5.55 10.02
N TYR A 133 4.13 5.34 11.24
CA TYR A 133 3.28 6.33 11.94
C TYR A 133 4.16 7.10 12.92
N ILE A 134 3.95 8.40 13.01
CA ILE A 134 4.61 9.25 14.00
C ILE A 134 3.84 9.15 15.34
N TYR A 135 4.44 8.43 16.30
CA TYR A 135 3.86 8.24 17.65
C TYR A 135 4.17 9.48 18.46
N LYS A 136 3.25 9.81 19.35
CA LYS A 136 3.56 10.92 20.34
C LYS A 136 4.92 10.70 21.00
N ASP A 137 5.21 9.43 21.32
CA ASP A 137 6.52 9.02 21.87
C ASP A 137 7.49 8.98 20.66
N ARG A 138 8.33 9.97 20.49
CA ARG A 138 9.34 10.01 19.43
C ARG A 138 10.45 9.00 19.61
N GLU A 139 10.63 8.49 20.82
CA GLU A 139 11.65 7.47 21.01
C GLU A 139 11.17 6.14 20.39
N VAL A 140 9.91 5.76 20.59
CA VAL A 140 9.23 4.61 19.92
C VAL A 140 9.40 4.77 18.41
N THR A 141 9.11 5.97 17.91
CA THR A 141 9.17 6.25 16.49
C THR A 141 10.58 6.09 15.92
N LYS A 142 11.56 6.69 16.58
CA LYS A 142 12.96 6.53 16.24
C LYS A 142 13.39 5.03 16.25
N LYS A 143 12.95 4.24 17.22
CA LYS A 143 13.30 2.79 17.39
C LYS A 143 12.82 2.01 16.16
N LEU A 144 11.61 2.29 15.70
CA LEU A 144 11.08 1.69 14.49
C LEU A 144 11.94 1.98 13.29
N VAL A 145 12.33 3.23 13.06
CA VAL A 145 13.19 3.62 11.97
C VAL A 145 14.53 2.91 12.08
N ARG A 146 15.12 2.90 13.28
CA ARG A 146 16.45 2.26 13.49
C ARG A 146 16.42 0.79 13.23
N GLN A 147 15.36 0.11 13.67
N GLN A 147 15.36 0.11 13.67
N GLN A 147 15.33 0.14 13.69
N GLN A 147 15.33 0.14 13.69
CA GLN A 147 15.21 -1.31 13.39
CA GLN A 147 15.21 -1.31 13.39
CA GLN A 147 15.08 -1.29 13.48
CA GLN A 147 15.08 -1.29 13.48
C GLN A 147 15.09 -1.56 11.90
C GLN A 147 15.09 -1.56 11.90
C GLN A 147 14.90 -1.66 12.00
C GLN A 147 14.90 -1.66 12.00
N ALA A 148 14.27 -0.76 11.23
CA ALA A 148 14.12 -0.89 9.78
C ALA A 148 15.47 -0.79 9.10
N GLU A 149 16.27 0.20 9.43
CA GLU A 149 17.62 0.37 8.89
C GLU A 149 18.49 -0.88 9.17
N LYS A 150 18.51 -1.33 10.43
CA LYS A 150 19.37 -2.47 10.88
C LYS A 150 18.96 -3.76 10.18
N MET A 151 17.66 -3.89 9.92
CA MET A 151 17.11 -5.11 9.36
C MET A 151 16.95 -5.10 7.83
N GLY A 152 17.59 -4.18 7.15
CA GLY A 152 17.68 -4.26 5.71
C GLY A 152 16.48 -3.74 4.91
N TYR A 153 15.63 -2.94 5.56
CA TYR A 153 14.50 -2.29 4.87
C TYR A 153 15.08 -1.14 4.05
N LYS A 154 14.44 -0.84 2.92
N LYS A 154 14.44 -0.84 2.92
N LYS A 154 14.47 -0.85 2.90
N LYS A 154 14.47 -0.85 2.90
CA LYS A 154 15.01 0.04 1.91
CA LYS A 154 15.01 0.04 1.91
CA LYS A 154 15.04 0.06 1.92
CA LYS A 154 15.04 0.06 1.92
C LYS A 154 14.39 1.43 1.81
C LYS A 154 14.39 1.43 1.81
C LYS A 154 14.37 1.43 1.77
C LYS A 154 14.37 1.43 1.77
N ALA A 155 13.27 1.66 2.48
CA ALA A 155 12.63 2.98 2.49
C ALA A 155 11.68 3.05 3.68
N ILE A 156 11.30 4.28 3.97
CA ILE A 156 10.27 4.63 4.96
C ILE A 156 9.09 5.29 4.21
N PHE A 157 7.88 4.74 4.40
CA PHE A 157 6.68 5.38 3.87
C PHE A 157 6.00 6.00 5.11
N VAL A 158 6.10 7.33 5.20
CA VAL A 158 5.49 7.99 6.33
C VAL A 158 4.04 8.37 6.03
N THR A 159 3.14 7.86 6.87
CA THR A 159 1.71 8.12 6.65
C THR A 159 1.39 9.49 7.16
N VAL A 160 0.81 10.34 6.31
CA VAL A 160 0.54 11.74 6.67
C VAL A 160 -0.91 12.13 6.68
N ASP A 161 -1.82 11.14 6.57
CA ASP A 161 -3.27 11.43 6.52
C ASP A 161 -4.05 10.93 7.70
N THR A 162 -3.35 10.60 8.79
CA THR A 162 -3.94 9.92 9.94
C THR A 162 -3.57 10.60 11.28
N PRO A 163 -3.87 11.91 11.43
CA PRO A 163 -3.67 12.53 12.76
C PRO A 163 -4.62 11.94 13.80
N TYR A 164 -5.78 11.50 13.34
CA TYR A 164 -6.76 10.73 14.02
C TYR A 164 -7.22 9.60 13.08
N LEU A 165 -7.83 8.54 13.61
CA LEU A 165 -8.43 7.52 12.76
C LEU A 165 -9.74 7.98 12.15
N GLY A 166 -9.94 7.64 10.87
CA GLY A 166 -11.26 7.78 10.28
C GLY A 166 -12.29 6.99 11.05
N ASN A 167 -13.56 7.38 10.83
CA ASN A 167 -14.74 6.76 11.48
C ASN A 167 -15.31 5.66 10.60
N ARG A 168 -14.93 4.40 10.88
CA ARG A 168 -15.40 3.24 10.10
C ARG A 168 -16.57 2.65 10.89
N LEU A 169 -17.78 2.83 10.38
CA LEU A 169 -19.00 2.56 11.16
C LEU A 169 -19.10 1.13 11.65
N ASP A 170 -18.80 0.16 10.78
CA ASP A 170 -18.91 -1.20 11.25
C ASP A 170 -17.95 -1.50 12.42
N ASP A 171 -16.75 -0.89 12.45
CA ASP A 171 -15.84 -1.14 13.57
C ASP A 171 -16.40 -0.60 14.90
N VAL A 172 -17.15 0.52 14.82
CA VAL A 172 -17.79 1.06 16.01
C VAL A 172 -18.91 0.10 16.39
N ARG A 173 -19.74 -0.33 15.43
CA ARG A 173 -20.80 -1.31 15.74
C ARG A 173 -20.27 -2.63 16.35
N ASN A 174 -19.19 -3.15 15.77
CA ASN A 174 -18.59 -4.42 16.25
C ASN A 174 -17.63 -4.22 17.45
N ARG A 175 -17.37 -2.97 17.86
CA ARG A 175 -16.37 -2.69 18.90
C ARG A 175 -15.08 -3.41 18.59
N PHE A 176 -14.55 -3.11 17.41
CA PHE A 176 -13.41 -3.82 16.89
C PHE A 176 -12.22 -3.80 17.87
N LYS A 177 -11.59 -4.96 17.98
CA LYS A 177 -10.35 -5.16 18.75
C LYS A 177 -9.61 -6.39 18.16
N LEU A 178 -8.34 -6.55 18.54
CA LEU A 178 -7.64 -7.77 18.15
C LEU A 178 -8.21 -9.03 18.85
N PRO A 179 -8.18 -10.20 18.19
CA PRO A 179 -8.40 -11.49 18.78
C PRO A 179 -7.43 -11.68 19.94
N PRO A 180 -7.81 -12.54 20.91
CA PRO A 180 -7.09 -12.59 22.17
C PRO A 180 -5.60 -12.96 22.08
N GLN A 181 -5.20 -13.80 21.13
CA GLN A 181 -3.82 -14.28 21.11
C GLN A 181 -2.89 -13.36 20.31
N LEU A 182 -3.37 -12.21 19.80
CA LEU A 182 -2.55 -11.40 18.87
C LEU A 182 -2.23 -10.07 19.47
N ARG A 183 -1.14 -9.48 19.00
CA ARG A 183 -0.70 -8.14 19.40
C ARG A 183 -0.09 -7.39 18.24
N MET A 184 0.01 -6.07 18.34
CA MET A 184 0.92 -5.28 17.49
C MET A 184 2.32 -5.49 18.01
N LYS A 185 3.08 -6.32 17.29
CA LYS A 185 4.30 -6.91 17.79
C LYS A 185 5.52 -6.01 17.75
N ASN A 186 5.43 -4.78 17.24
CA ASN A 186 6.52 -3.86 17.29
C ASN A 186 6.71 -3.13 18.59
N PHE A 187 5.81 -3.36 19.56
CA PHE A 187 5.73 -2.55 20.78
C PHE A 187 5.73 -3.48 21.99
N GLU A 188 6.12 -2.88 23.11
CA GLU A 188 6.46 -3.57 24.36
C GLU A 188 5.32 -3.50 25.40
N THR A 189 4.61 -2.37 25.45
CA THR A 189 3.61 -2.08 26.50
C THR A 189 2.19 -2.51 26.05
N SER A 190 1.32 -2.76 27.03
CA SER A 190 -0.06 -3.19 26.78
C SER A 190 -0.81 -2.25 25.87
N THR A 191 -0.61 -0.95 26.05
CA THR A 191 -1.39 0.06 25.33
C THR A 191 -0.81 0.10 23.90
N LEU A 192 0.49 0.28 23.77
CA LEU A 192 1.09 0.42 22.40
C LEU A 192 1.00 -0.87 21.55
N SER A 193 0.95 -2.03 22.20
CA SER A 193 0.70 -3.31 21.52
C SER A 193 -0.77 -3.60 21.18
N PHE A 194 -1.68 -2.66 21.48
CA PHE A 194 -3.12 -2.84 21.23
C PHE A 194 -3.63 -4.11 21.89
N SER A 195 -3.21 -4.36 23.15
CA SER A 195 -3.69 -5.60 23.81
C SER A 195 -5.20 -5.57 23.92
N PRO A 196 -5.89 -6.63 23.49
CA PRO A 196 -7.34 -6.62 23.66
C PRO A 196 -7.73 -6.79 25.10
N ASP A 203 -16.32 2.15 21.87
CA ASP A 203 -16.46 2.41 20.39
C ASP A 203 -15.47 1.53 19.59
N SER A 204 -14.88 2.02 18.47
CA SER A 204 -13.81 1.20 17.82
C SER A 204 -12.57 1.20 18.68
N GLY A 205 -12.05 0.01 18.99
CA GLY A 205 -10.82 -0.09 19.76
C GLY A 205 -9.66 0.63 19.06
N LEU A 206 -9.60 0.47 17.74
CA LEU A 206 -8.51 1.04 16.98
C LEU A 206 -8.57 2.55 16.98
N ALA A 207 -9.76 3.13 16.88
CA ALA A 207 -9.84 4.60 16.98
C ALA A 207 -9.30 5.14 18.29
N ALA A 208 -9.66 4.46 19.36
CA ALA A 208 -9.15 4.80 20.72
C ALA A 208 -7.64 4.60 20.84
N TYR A 209 -7.12 3.51 20.23
CA TYR A 209 -5.67 3.28 20.18
C TYR A 209 -4.97 4.44 19.52
N VAL A 210 -5.46 4.88 18.35
CA VAL A 210 -4.83 5.98 17.66
C VAL A 210 -4.82 7.24 18.52
N ALA A 211 -5.96 7.51 19.12
CA ALA A 211 -6.13 8.76 19.90
C ALA A 211 -5.12 8.76 21.09
N LYS A 212 -4.87 7.58 21.66
CA LYS A 212 -3.87 7.44 22.77
C LYS A 212 -2.44 7.49 22.31
N ALA A 213 -2.11 6.93 21.14
CA ALA A 213 -0.75 6.67 20.71
C ALA A 213 -0.15 7.55 19.63
N ILE A 214 -0.99 7.94 18.66
CA ILE A 214 -0.53 8.61 17.47
C ILE A 214 -0.68 10.15 17.66
N ASP A 215 0.27 10.91 17.20
CA ASP A 215 0.35 12.36 17.44
C ASP A 215 -0.48 13.18 16.46
N PRO A 216 -1.57 13.80 16.92
CA PRO A 216 -2.38 14.63 16.01
C PRO A 216 -1.76 15.97 15.64
N SER A 217 -0.69 16.37 16.36
CA SER A 217 -0.01 17.56 16.09
C SER A 217 0.98 17.49 14.95
N ILE A 218 1.13 16.37 14.27
CA ILE A 218 2.26 16.41 13.40
C ILE A 218 2.13 17.35 12.24
N SER A 219 3.27 17.87 11.86
CA SER A 219 3.33 18.95 10.94
C SER A 219 4.53 18.75 10.04
N TRP A 220 4.70 19.64 9.13
CA TRP A 220 5.90 19.67 8.30
C TRP A 220 7.18 19.74 9.11
N GLU A 221 7.15 20.32 10.30
CA GLU A 221 8.34 20.27 11.17
C GLU A 221 8.77 18.85 11.53
N ASP A 222 7.80 17.97 11.76
CA ASP A 222 8.04 16.56 12.00
C ASP A 222 8.64 15.82 10.80
N ILE A 223 8.26 16.25 9.61
CA ILE A 223 8.84 15.71 8.37
C ILE A 223 10.28 16.16 8.32
N LYS A 224 10.56 17.41 8.67
CA LYS A 224 11.97 17.89 8.76
C LYS A 224 12.79 17.04 9.71
N TRP A 225 12.23 16.70 10.86
CA TRP A 225 12.84 15.82 11.88
C TRP A 225 13.13 14.43 11.30
N LEU A 226 12.15 13.87 10.60
CA LEU A 226 12.29 12.51 10.09
C LEU A 226 13.34 12.49 8.99
N ARG A 227 13.39 13.57 8.20
CA ARG A 227 14.35 13.66 7.09
C ARG A 227 15.79 13.77 7.63
N ARG A 228 15.94 14.32 8.83
CA ARG A 228 17.27 14.45 9.49
C ARG A 228 17.67 13.11 10.21
N LEU A 229 16.66 12.34 10.65
CA LEU A 229 16.77 11.14 11.39
C LEU A 229 17.38 10.00 10.59
N THR A 230 16.96 9.87 9.33
CA THR A 230 17.39 8.76 8.49
C THR A 230 17.83 9.21 7.13
N SER A 231 18.81 8.51 6.60
CA SER A 231 19.23 8.74 5.20
C SER A 231 18.49 7.81 4.22
N LEU A 232 17.68 6.88 4.75
CA LEU A 232 16.80 6.07 3.86
C LEU A 232 15.92 6.95 2.99
N PRO A 233 15.55 6.46 1.82
CA PRO A 233 14.52 7.17 1.06
C PRO A 233 13.23 7.24 1.90
N ILE A 234 12.56 8.38 1.78
CA ILE A 234 11.30 8.59 2.51
C ILE A 234 10.22 8.98 1.50
N VAL A 235 9.05 8.29 1.57
CA VAL A 235 7.90 8.57 0.70
C VAL A 235 6.79 9.10 1.61
N ALA A 236 6.17 10.21 1.15
CA ALA A 236 4.98 10.74 1.87
C ALA A 236 3.79 9.96 1.35
N LYS A 237 3.09 9.29 2.25
CA LYS A 237 1.94 8.45 1.90
C LYS A 237 0.65 9.07 2.40
N GLY A 238 -0.28 9.34 1.47
CA GLY A 238 -1.55 9.99 1.78
C GLY A 238 -1.76 11.36 1.28
N ILE A 239 -0.92 11.85 0.40
CA ILE A 239 -1.04 13.14 -0.24
C ILE A 239 -2.09 13.12 -1.32
N LEU A 240 -2.95 14.16 -1.34
CA LEU A 240 -4.06 14.27 -2.30
C LEU A 240 -4.07 15.63 -3.06
N ARG A 241 -3.21 16.59 -2.66
CA ARG A 241 -3.15 17.89 -3.25
C ARG A 241 -1.78 18.18 -3.86
N GLY A 242 -1.81 18.87 -4.97
CA GLY A 242 -0.56 19.24 -5.60
C GLY A 242 0.32 20.14 -4.76
N ASP A 243 -0.31 21.04 -3.99
CA ASP A 243 0.50 21.95 -3.16
C ASP A 243 1.25 21.19 -2.06
N ASP A 244 0.58 20.21 -1.45
CA ASP A 244 1.23 19.35 -0.48
C ASP A 244 2.34 18.47 -1.11
N ALA A 245 2.13 17.98 -2.32
CA ALA A 245 3.14 17.23 -3.00
C ALA A 245 4.37 18.10 -3.27
N ARG A 246 4.17 19.38 -3.65
CA ARG A 246 5.33 20.26 -3.84
C ARG A 246 6.06 20.52 -2.52
N GLU A 247 5.29 20.64 -1.43
CA GLU A 247 5.92 20.83 -0.11
C GLU A 247 6.74 19.59 0.26
N ALA A 248 6.25 18.36 -0.02
CA ALA A 248 7.03 17.19 0.24
C ALA A 248 8.39 17.14 -0.49
N VAL A 249 8.34 17.57 -1.74
CA VAL A 249 9.60 17.69 -2.55
C VAL A 249 10.56 18.74 -1.92
N LYS A 250 10.01 19.88 -1.52
CA LYS A 250 10.81 20.95 -0.87
C LYS A 250 11.50 20.42 0.41
N HIS A 251 10.86 19.52 1.16
CA HIS A 251 11.40 18.91 2.34
C HIS A 251 12.39 17.79 2.07
N GLY A 252 12.74 17.53 0.81
CA GLY A 252 13.79 16.56 0.50
C GLY A 252 13.28 15.12 0.58
N LEU A 253 11.95 14.92 0.53
CA LEU A 253 11.45 13.58 0.44
C LEU A 253 11.68 13.02 -0.99
N ASN A 254 11.60 11.70 -1.11
CA ASN A 254 12.02 10.98 -2.29
C ASN A 254 10.89 10.30 -3.09
N GLY A 255 9.64 10.47 -2.67
CA GLY A 255 8.51 10.01 -3.44
C GLY A 255 7.22 10.47 -2.85
N ILE A 256 6.12 10.28 -3.60
CA ILE A 256 4.79 10.58 -3.13
C ILE A 256 3.95 9.37 -3.40
N LEU A 257 3.27 8.84 -2.39
CA LEU A 257 2.26 7.81 -2.60
C LEU A 257 0.87 8.46 -2.49
N VAL A 258 0.30 8.66 -3.67
CA VAL A 258 -1.05 9.21 -3.82
C VAL A 258 -2.01 8.16 -3.32
N SER A 259 -2.67 8.53 -2.21
CA SER A 259 -3.43 7.62 -1.41
C SER A 259 -4.49 8.35 -0.64
N ASN A 260 -5.67 7.73 -0.58
CA ASN A 260 -6.71 8.17 0.37
C ASN A 260 -6.92 7.12 1.44
N HIS A 261 -5.83 6.37 1.74
CA HIS A 261 -5.83 5.37 2.84
C HIS A 261 -6.91 4.31 2.61
N GLY A 262 -7.05 3.87 1.34
CA GLY A 262 -8.07 2.85 1.04
C GLY A 262 -9.49 3.37 1.34
N ALA A 263 -9.68 4.72 1.27
CA ALA A 263 -10.96 5.34 1.53
C ALA A 263 -11.39 5.20 2.99
N ARG A 264 -10.44 5.06 3.92
CA ARG A 264 -10.70 4.76 5.35
C ARG A 264 -10.54 5.98 6.23
N GLN A 265 -10.13 7.14 5.72
CA GLN A 265 -9.84 8.32 6.55
C GLN A 265 -10.93 9.36 6.31
N LEU A 266 -10.69 10.34 5.46
CA LEU A 266 -11.75 11.35 5.17
C LEU A 266 -12.61 10.85 4.02
N ASP A 267 -13.90 10.64 4.26
CA ASP A 267 -14.81 10.25 3.16
C ASP A 267 -15.20 11.47 2.34
N GLY A 268 -15.31 11.23 1.04
CA GLY A 268 -15.66 12.26 0.10
C GLY A 268 -14.50 12.97 -0.58
N VAL A 269 -13.30 12.45 -0.32
CA VAL A 269 -12.15 12.85 -1.15
C VAL A 269 -12.28 12.12 -2.52
N PRO A 270 -11.58 12.66 -3.53
CA PRO A 270 -11.58 12.00 -4.84
C PRO A 270 -10.90 10.61 -4.80
N ALA A 271 -11.24 9.85 -5.82
CA ALA A 271 -10.49 8.60 -6.10
C ALA A 271 -9.04 8.95 -6.43
N THR A 272 -8.13 8.04 -6.03
CA THR A 272 -6.73 8.31 -6.26
C THR A 272 -6.33 8.40 -7.73
N ILE A 273 -7.01 7.60 -8.57
CA ILE A 273 -6.69 7.66 -10.00
C ILE A 273 -7.06 8.99 -10.57
N ASP A 274 -8.07 9.65 -9.98
CA ASP A 274 -8.47 10.95 -10.47
C ASP A 274 -7.55 12.11 -10.04
N VAL A 275 -6.92 11.99 -8.88
CA VAL A 275 -6.00 13.03 -8.40
C VAL A 275 -4.58 12.78 -8.89
N LEU A 276 -4.26 11.55 -9.34
CA LEU A 276 -2.91 11.22 -9.78
C LEU A 276 -2.33 12.23 -10.80
N PRO A 277 -3.09 12.58 -11.86
CA PRO A 277 -2.47 13.49 -12.82
C PRO A 277 -2.02 14.84 -12.25
N GLU A 278 -2.81 15.41 -11.35
CA GLU A 278 -2.42 16.70 -10.75
C GLU A 278 -1.14 16.56 -9.98
N ILE A 279 -1.00 15.47 -9.24
CA ILE A 279 0.18 15.25 -8.43
C ILE A 279 1.43 15.04 -9.31
N VAL A 280 1.30 14.16 -10.33
CA VAL A 280 2.39 13.95 -11.30
C VAL A 280 2.86 15.29 -11.91
N GLU A 281 1.90 16.10 -12.31
CA GLU A 281 2.23 17.44 -12.85
C GLU A 281 2.95 18.33 -11.83
N ALA A 282 2.44 18.31 -10.58
CA ALA A 282 2.99 19.15 -9.53
C ALA A 282 4.44 18.85 -9.18
N VAL A 283 4.84 17.57 -9.26
CA VAL A 283 6.20 17.24 -8.84
C VAL A 283 7.26 17.41 -9.92
N GLU A 284 6.85 17.63 -11.14
CA GLU A 284 7.76 17.99 -12.24
C GLU A 284 8.90 16.99 -12.41
N GLY A 285 8.61 15.69 -12.20
CA GLY A 285 9.64 14.69 -12.37
C GLY A 285 10.73 14.58 -11.32
N LYS A 286 10.59 15.34 -10.22
CA LYS A 286 11.63 15.41 -9.19
C LYS A 286 11.67 14.19 -8.34
N VAL A 287 10.51 13.54 -8.14
CA VAL A 287 10.42 12.32 -7.38
C VAL A 287 9.41 11.37 -8.03
N GLU A 288 9.59 10.09 -7.76
CA GLU A 288 8.61 9.04 -8.18
C GLU A 288 7.28 9.31 -7.48
N VAL A 289 6.22 9.07 -8.23
CA VAL A 289 4.87 9.10 -7.74
C VAL A 289 4.22 7.69 -7.86
N PHE A 290 3.62 7.18 -6.76
CA PHE A 290 2.97 5.90 -6.69
C PHE A 290 1.48 6.11 -6.44
N LEU A 291 0.70 5.09 -6.64
CA LEU A 291 -0.73 5.10 -6.32
C LEU A 291 -1.18 3.88 -5.55
N ASP A 292 -2.13 4.05 -4.66
CA ASP A 292 -2.91 2.94 -4.15
C ASP A 292 -4.39 3.40 -4.08
N GLY A 293 -5.26 2.43 -3.83
CA GLY A 293 -6.69 2.69 -3.67
C GLY A 293 -7.48 2.14 -4.90
N GLY A 294 -8.12 0.97 -4.69
CA GLY A 294 -9.00 0.48 -5.72
C GLY A 294 -8.36 -0.37 -6.80
N VAL A 295 -7.06 -0.69 -6.70
CA VAL A 295 -6.43 -1.56 -7.70
C VAL A 295 -6.87 -3.01 -7.47
N ARG A 296 -7.56 -3.55 -8.48
CA ARG A 296 -8.09 -4.91 -8.47
C ARG A 296 -7.77 -5.71 -9.74
N LYS A 297 -7.36 -5.04 -10.80
CA LYS A 297 -7.22 -5.63 -12.16
C LYS A 297 -5.98 -5.12 -12.80
N GLY A 298 -5.49 -5.97 -13.75
CA GLY A 298 -4.34 -5.54 -14.56
C GLY A 298 -4.56 -4.21 -15.29
N THR A 299 -5.78 -3.98 -15.78
CA THR A 299 -6.06 -2.72 -16.49
C THR A 299 -5.97 -1.48 -15.54
N ASP A 300 -6.23 -1.71 -14.24
CA ASP A 300 -6.07 -0.61 -13.28
C ASP A 300 -4.59 -0.16 -13.17
N VAL A 301 -3.72 -1.18 -13.15
CA VAL A 301 -2.28 -0.95 -13.12
C VAL A 301 -1.83 -0.21 -14.37
N LEU A 302 -2.35 -0.67 -15.53
CA LEU A 302 -1.98 -0.04 -16.79
C LEU A 302 -2.41 1.47 -16.81
N LYS A 303 -3.64 1.74 -16.34
CA LYS A 303 -4.13 3.14 -16.34
C LYS A 303 -3.30 4.03 -15.43
N ALA A 304 -2.92 3.49 -14.25
CA ALA A 304 -2.09 4.30 -13.31
C ALA A 304 -0.74 4.61 -13.91
N LEU A 305 -0.12 3.63 -14.56
CA LEU A 305 1.17 3.91 -15.20
C LEU A 305 1.03 4.88 -16.38
N ALA A 306 -0.04 4.76 -17.15
CA ALA A 306 -0.25 5.68 -18.30
C ALA A 306 -0.36 7.12 -17.80
N LEU A 307 -0.95 7.29 -16.60
CA LEU A 307 -1.09 8.63 -16.02
C LEU A 307 0.10 9.05 -15.21
N GLY A 308 1.17 8.27 -15.18
CA GLY A 308 2.42 8.79 -14.65
C GLY A 308 2.96 8.12 -13.38
N ALA A 309 2.18 7.23 -12.78
CA ALA A 309 2.66 6.49 -11.62
C ALA A 309 3.79 5.56 -11.98
N LYS A 310 4.81 5.43 -11.12
CA LYS A 310 5.87 4.44 -11.35
C LYS A 310 5.42 3.03 -11.00
N ALA A 311 4.58 2.90 -9.97
CA ALA A 311 4.13 1.61 -9.52
C ALA A 311 2.86 1.84 -8.70
N VAL A 312 2.13 0.77 -8.47
CA VAL A 312 0.95 0.80 -7.61
C VAL A 312 1.16 -0.13 -6.45
N PHE A 313 0.41 0.13 -5.38
CA PHE A 313 0.35 -0.74 -4.20
C PHE A 313 -1.05 -1.30 -4.04
N VAL A 314 -1.14 -2.57 -3.59
CA VAL A 314 -2.40 -3.25 -3.30
C VAL A 314 -2.56 -3.47 -1.84
N GLY A 315 -3.72 -3.15 -1.28
CA GLY A 315 -4.00 -3.36 0.12
C GLY A 315 -4.87 -4.56 0.32
N ARG A 316 -6.17 -4.39 0.22
CA ARG A 316 -7.14 -5.42 0.58
C ARG A 316 -6.93 -6.77 -0.17
N PRO A 317 -6.59 -6.71 -1.50
CA PRO A 317 -6.45 -8.04 -2.19
C PRO A 317 -5.46 -8.99 -1.50
N ILE A 318 -4.44 -8.46 -0.86
CA ILE A 318 -3.43 -9.28 -0.18
C ILE A 318 -4.07 -9.97 1.00
N VAL A 319 -4.85 -9.21 1.77
CA VAL A 319 -5.52 -9.76 2.93
C VAL A 319 -6.48 -10.87 2.53
N TRP A 320 -7.18 -10.70 1.41
CA TRP A 320 -8.07 -11.74 0.95
C TRP A 320 -7.26 -12.99 0.51
N GLY A 321 -6.08 -12.79 -0.09
CA GLY A 321 -5.19 -13.92 -0.40
C GLY A 321 -4.82 -14.72 0.85
N LEU A 322 -4.42 -13.98 1.87
CA LEU A 322 -4.12 -14.60 3.19
C LEU A 322 -5.31 -15.42 3.69
N ALA A 323 -6.49 -14.82 3.66
CA ALA A 323 -7.69 -15.46 4.18
C ALA A 323 -8.00 -16.78 3.46
N PHE A 324 -7.75 -16.85 2.17
CA PHE A 324 -7.90 -18.12 1.43
C PHE A 324 -6.87 -19.19 1.81
N GLN A 325 -5.59 -18.84 1.73
CA GLN A 325 -4.51 -19.89 1.85
C GLN A 325 -3.15 -19.35 2.22
N GLY A 326 -3.10 -18.35 3.10
CA GLY A 326 -1.87 -17.90 3.59
C GLY A 326 -0.87 -17.45 2.53
N GLU A 327 0.38 -17.89 2.62
CA GLU A 327 1.44 -17.53 1.65
C GLU A 327 1.00 -17.88 0.19
N LYS A 328 0.48 -19.10 0.00
CA LYS A 328 0.02 -19.53 -1.32
C LYS A 328 -1.09 -18.63 -1.87
N GLY A 329 -2.00 -18.19 -0.98
CA GLY A 329 -3.09 -17.30 -1.39
C GLY A 329 -2.56 -15.92 -1.79
N VAL A 330 -1.61 -15.37 -1.06
CA VAL A 330 -1.01 -14.08 -1.43
C VAL A 330 -0.25 -14.23 -2.77
N GLN A 331 0.49 -15.35 -2.91
CA GLN A 331 1.21 -15.61 -4.18
C GLN A 331 0.22 -15.67 -5.34
N ASP A 332 -0.91 -16.33 -5.11
CA ASP A 332 -1.92 -16.48 -6.19
C ASP A 332 -2.48 -15.09 -6.58
N VAL A 333 -2.83 -14.27 -5.57
CA VAL A 333 -3.35 -12.94 -5.86
C VAL A 333 -2.32 -12.11 -6.66
N LEU A 334 -1.07 -12.16 -6.25
CA LEU A 334 -0.06 -11.40 -6.97
C LEU A 334 0.17 -11.94 -8.37
N GLU A 335 0.12 -13.28 -8.53
CA GLU A 335 0.25 -13.85 -9.87
C GLU A 335 -0.93 -13.52 -10.79
N ILE A 336 -2.13 -13.45 -10.22
CA ILE A 336 -3.30 -13.03 -11.00
C ILE A 336 -3.12 -11.61 -11.51
N LEU A 337 -2.73 -10.70 -10.61
CA LEU A 337 -2.52 -9.30 -11.00
C LEU A 337 -1.41 -9.21 -12.03
N LYS A 338 -0.31 -9.94 -11.82
CA LYS A 338 0.81 -9.94 -12.79
C LYS A 338 0.35 -10.39 -14.21
N GLU A 339 -0.40 -11.48 -14.25
CA GLU A 339 -0.86 -11.99 -15.54
C GLU A 339 -1.93 -11.10 -16.18
N GLU A 340 -2.83 -10.55 -15.37
CA GLU A 340 -3.78 -9.59 -15.96
C GLU A 340 -3.04 -8.37 -16.51
N PHE A 341 -2.01 -7.89 -15.79
CA PHE A 341 -1.25 -6.74 -16.23
C PHE A 341 -0.46 -7.05 -17.54
N ARG A 342 0.16 -8.24 -17.58
CA ARG A 342 0.89 -8.66 -18.82
C ARG A 342 -0.12 -8.63 -20.00
N LEU A 343 -1.28 -9.23 -19.81
CA LEU A 343 -2.23 -9.30 -20.90
C LEU A 343 -2.70 -7.92 -21.30
N ALA A 344 -2.97 -7.07 -20.34
CA ALA A 344 -3.35 -5.70 -20.66
C ALA A 344 -2.33 -4.93 -21.42
N MET A 345 -1.05 -5.07 -21.00
CA MET A 345 0.08 -4.48 -21.75
C MET A 345 0.10 -4.99 -23.19
N ALA A 346 0.01 -6.33 -23.33
CA ALA A 346 0.09 -6.93 -24.66
C ALA A 346 -1.04 -6.45 -25.57
N LEU A 347 -2.27 -6.45 -25.04
CA LEU A 347 -3.41 -6.08 -25.87
C LEU A 347 -3.41 -4.59 -26.20
N SER A 348 -2.73 -3.78 -25.39
N SER A 348 -2.74 -3.76 -25.39
N SER A 348 -2.73 -3.78 -25.39
N SER A 348 -2.74 -3.76 -25.39
CA SER A 348 -2.53 -2.36 -25.63
CA SER A 348 -2.59 -2.33 -25.67
CA SER A 348 -2.53 -2.36 -25.63
CA SER A 348 -2.59 -2.33 -25.67
C SER A 348 -1.34 -1.97 -26.51
C SER A 348 -1.29 -1.94 -26.42
C SER A 348 -1.34 -1.97 -26.51
C SER A 348 -1.29 -1.94 -26.42
N GLY A 349 -0.49 -2.93 -26.82
CA GLY A 349 0.67 -2.70 -27.68
C GLY A 349 1.93 -2.34 -26.97
N CYS A 350 1.97 -2.64 -25.65
CA CYS A 350 3.13 -2.22 -24.84
C CYS A 350 4.08 -3.37 -24.56
N GLN A 351 5.33 -3.28 -25.04
CA GLN A 351 6.34 -4.32 -24.82
C GLN A 351 6.99 -4.25 -23.45
N ASN A 352 6.94 -3.09 -22.82
CA ASN A 352 7.64 -2.84 -21.56
C ASN A 352 6.98 -1.68 -20.86
N VAL A 353 7.37 -1.37 -19.61
CA VAL A 353 6.64 -0.32 -18.90
C VAL A 353 7.04 1.07 -19.38
N LYS A 354 8.20 1.20 -20.00
CA LYS A 354 8.67 2.51 -20.46
C LYS A 354 7.87 3.09 -21.61
N VAL A 355 7.19 2.22 -22.36
CA VAL A 355 6.35 2.67 -23.47
C VAL A 355 4.86 2.82 -23.13
N ILE A 356 4.47 2.69 -21.84
CA ILE A 356 3.11 2.96 -21.41
C ILE A 356 2.92 4.47 -21.27
N ASP A 357 2.27 5.09 -22.24
CA ASP A 357 2.23 6.53 -22.36
C ASP A 357 0.82 7.07 -22.13
N LYS A 358 0.75 8.40 -21.97
CA LYS A 358 -0.49 9.12 -21.68
C LYS A 358 -1.52 8.97 -22.79
N THR A 359 -1.12 8.70 -24.05
CA THR A 359 -2.16 8.58 -25.10
C THR A 359 -2.95 7.28 -24.97
N LEU A 360 -2.52 6.36 -24.10
CA LEU A 360 -3.30 5.18 -23.90
C LEU A 360 -4.61 5.41 -23.14
N VAL A 361 -4.79 6.56 -22.48
CA VAL A 361 -5.96 6.75 -21.67
C VAL A 361 -6.63 8.08 -21.98
N ARG A 362 -7.96 8.09 -21.83
CA ARG A 362 -8.74 9.34 -21.83
C ARG A 362 -9.94 9.22 -20.89
N LYS A 363 -10.26 10.31 -20.18
CA LYS A 363 -11.31 10.31 -19.10
C LYS A 363 -12.72 10.46 -19.63
#